data_4ECJ
#
_entry.id   4ECJ
#
_cell.length_a   85.541
_cell.length_b   99.857
_cell.length_c   51.571
_cell.angle_alpha   90.00
_cell.angle_beta   90.00
_cell.angle_gamma   90.00
#
_symmetry.space_group_name_H-M   'P 21 21 2'
#
loop_
_entity.id
_entity.type
_entity.pdbx_description
1 polymer 'glutathione S-transferase'
2 non-polymer GLUTATHIONE
3 water water
#
_entity_poly.entity_id   1
_entity_poly.type   'polypeptide(L)'
_entity_poly.pdbx_seq_one_letter_code
;MVMIDLYTAATPNGHKVSIALEEMGLPYRVHALSFDKKEQKAPEFLRINPNGRIPAIVDRDNDDFAVFESGAILIYLAEK
TGQLMPADVKGRSRVIQWLMFQMGGVGPMQGQANVFFRYFPEKLQGAIDRYQHETRRLYEVLDGRLGEAEYLAGDYSIAD
IATYPWVRIHDWSGVAVDGLDNLQRWIAAIEARPAVQRGLLVPRREKEGDDAIRTAQSMLTRAENLYFQSHHHHHHWSHP
QFEK
;
_entity_poly.pdbx_strand_id   A,B
#
loop_
_chem_comp.id
_chem_comp.type
_chem_comp.name
_chem_comp.formula
GSH non-polymer GLUTATHIONE 'C10 H17 N3 O6 S'
#
# COMPACT_ATOMS: atom_id res chain seq x y z
N VAL A 2 8.45 0.34 -28.68
CA VAL A 2 7.72 0.47 -27.39
C VAL A 2 8.65 1.06 -26.35
N MET A 3 8.10 1.84 -25.44
CA MET A 3 8.94 2.43 -24.41
C MET A 3 8.99 1.58 -23.14
N ILE A 4 7.94 0.79 -22.90
CA ILE A 4 7.80 0.11 -21.60
C ILE A 4 7.77 -1.41 -21.79
N ASP A 5 8.61 -2.12 -21.04
CA ASP A 5 8.46 -3.56 -20.95
C ASP A 5 7.61 -3.88 -19.71
N LEU A 6 6.52 -4.60 -19.92
CA LEU A 6 5.61 -5.00 -18.85
C LEU A 6 5.71 -6.49 -18.52
N TYR A 7 6.09 -6.79 -17.29
CA TYR A 7 6.13 -8.17 -16.82
C TYR A 7 4.86 -8.43 -16.01
N THR A 8 4.03 -9.34 -16.47
CA THR A 8 2.69 -9.43 -15.89
C THR A 8 2.11 -10.83 -16.01
N ALA A 9 0.88 -10.98 -15.51
CA ALA A 9 0.16 -12.23 -15.65
C ALA A 9 -1.30 -11.84 -15.45
N ALA A 10 -2.22 -12.77 -15.69
CA ALA A 10 -3.62 -12.41 -15.67
C ALA A 10 -4.20 -12.42 -14.25
N THR A 11 -3.92 -11.36 -13.50
CA THR A 11 -4.38 -11.20 -12.12
C THR A 11 -4.82 -9.75 -11.97
N PRO A 12 -5.53 -9.45 -10.88
CA PRO A 12 -6.00 -8.08 -10.64
C PRO A 12 -4.83 -7.10 -10.56
N ASN A 13 -3.72 -7.49 -9.93
CA ASN A 13 -2.62 -6.55 -9.83
C ASN A 13 -1.99 -6.27 -11.21
N GLY A 14 -1.89 -7.29 -12.05
CA GLY A 14 -1.35 -7.09 -13.40
C GLY A 14 -2.29 -6.20 -14.21
N HIS A 15 -3.58 -6.45 -14.07
CA HIS A 15 -4.58 -5.66 -14.83
C HIS A 15 -4.59 -4.19 -14.50
N LYS A 16 -4.24 -3.83 -13.26
CA LYS A 16 -4.08 -2.41 -12.91
C LYS A 16 -3.16 -1.73 -13.92
N VAL A 17 -2.04 -2.37 -14.18
CA VAL A 17 -1.00 -1.70 -14.96
C VAL A 17 -1.31 -1.76 -16.43
N SER A 18 -1.81 -2.90 -16.91
CA SER A 18 -2.19 -2.94 -18.33
C SER A 18 -3.32 -1.95 -18.64
N ILE A 19 -4.30 -1.84 -17.74
CA ILE A 19 -5.31 -0.79 -17.88
C ILE A 19 -4.69 0.61 -17.93
N ALA A 20 -3.75 0.90 -17.02
CA ALA A 20 -3.13 2.22 -16.99
C ALA A 20 -2.43 2.53 -18.33
N LEU A 21 -1.65 1.58 -18.81
CA LEU A 21 -0.88 1.78 -20.03
C LEU A 21 -1.82 2.02 -21.21
N GLU A 22 -2.93 1.28 -21.24
CA GLU A 22 -3.95 1.45 -22.29
C GLU A 22 -4.64 2.81 -22.22
N GLU A 23 -4.98 3.25 -21.01
CA GLU A 23 -5.59 4.59 -20.82
C GLU A 23 -4.64 5.68 -21.29
N MET A 24 -3.35 5.51 -21.03
CA MET A 24 -2.38 6.59 -21.26
C MET A 24 -1.84 6.63 -22.69
N GLY A 25 -2.15 5.60 -23.46
CA GLY A 25 -1.66 5.51 -24.83
C GLY A 25 -0.17 5.23 -24.93
N LEU A 26 0.41 4.58 -23.93
CA LEU A 26 1.83 4.23 -23.99
C LEU A 26 2.03 2.92 -24.71
N PRO A 27 2.98 2.88 -25.66
CA PRO A 27 3.32 1.60 -26.29
C PRO A 27 4.07 0.71 -25.28
N TYR A 28 3.77 -0.57 -25.28
CA TYR A 28 4.45 -1.49 -24.38
C TYR A 28 4.56 -2.89 -24.96
N ARG A 29 5.53 -3.64 -24.44
CA ARG A 29 5.75 -5.00 -24.85
C ARG A 29 5.34 -5.88 -23.67
N VAL A 30 4.56 -6.91 -23.94
CA VAL A 30 4.13 -7.80 -22.85
C VAL A 30 5.07 -8.98 -22.66
N HIS A 31 5.54 -9.18 -21.44
CA HIS A 31 6.25 -10.40 -21.07
C HIS A 31 5.36 -11.15 -20.11
N ALA A 32 4.65 -12.16 -20.61
CA ALA A 32 3.74 -12.91 -19.77
C ALA A 32 4.49 -14.01 -19.01
N LEU A 33 4.60 -13.85 -17.70
CA LEU A 33 5.32 -14.83 -16.93
C LEU A 33 4.45 -16.01 -16.60
N SER A 34 5.03 -17.19 -16.73
CA SER A 34 4.28 -18.41 -16.45
C SER A 34 4.59 -18.84 -15.01
N PHE A 35 3.62 -18.74 -14.11
CA PHE A 35 3.82 -19.21 -12.74
C PHE A 35 4.00 -20.73 -12.73
N ASP A 36 3.34 -21.40 -13.69
CA ASP A 36 3.47 -22.85 -13.85
C ASP A 36 4.92 -23.30 -13.94
N LYS A 37 5.74 -22.52 -14.64
CA LYS A 37 7.17 -22.80 -14.76
C LYS A 37 7.99 -21.91 -13.83
N LYS A 38 7.32 -21.30 -12.84
CA LYS A 38 8.01 -20.53 -11.81
C LYS A 38 8.89 -19.44 -12.40
N GLU A 39 8.44 -18.83 -13.50
CA GLU A 39 9.25 -17.79 -14.14
C GLU A 39 9.45 -16.53 -13.28
N GLN A 40 8.55 -16.32 -12.32
CA GLN A 40 8.61 -15.17 -11.44
C GLN A 40 9.64 -15.32 -10.31
N LYS A 41 10.19 -16.52 -10.13
CA LYS A 41 11.24 -16.76 -9.14
C LYS A 41 12.62 -16.92 -9.80
N ALA A 42 12.68 -16.76 -11.12
CA ALA A 42 13.96 -16.84 -11.83
C ALA A 42 14.88 -15.65 -11.51
N PRO A 43 16.20 -15.89 -11.41
CA PRO A 43 17.14 -14.84 -11.02
C PRO A 43 17.09 -13.61 -11.92
N GLU A 44 16.92 -13.80 -13.22
CA GLU A 44 16.78 -12.67 -14.14
C GLU A 44 15.55 -11.80 -13.82
N PHE A 45 14.43 -12.41 -13.42
CA PHE A 45 13.29 -11.59 -13.01
C PHE A 45 13.45 -10.91 -11.64
N LEU A 46 14.06 -11.62 -10.70
CA LEU A 46 14.37 -11.05 -9.39
C LEU A 46 15.28 -9.82 -9.47
N ARG A 47 16.05 -9.69 -10.55
CA ARG A 47 16.83 -8.46 -10.75
C ARG A 47 15.93 -7.26 -11.00
N ILE A 48 14.71 -7.52 -11.47
CA ILE A 48 13.76 -6.45 -11.77
C ILE A 48 12.81 -6.21 -10.59
N ASN A 49 12.27 -7.30 -10.06
CA ASN A 49 11.47 -7.22 -8.85
C ASN A 49 11.99 -8.23 -7.84
N PRO A 50 12.73 -7.74 -6.83
CA PRO A 50 13.30 -8.65 -5.83
C PRO A 50 12.23 -9.40 -5.04
N ASN A 51 11.00 -8.91 -5.03
CA ASN A 51 9.89 -9.62 -4.37
C ASN A 51 9.37 -10.82 -5.19
N GLY A 52 9.74 -10.89 -6.46
CA GLY A 52 9.35 -12.03 -7.32
C GLY A 52 7.85 -12.13 -7.54
N ARG A 53 7.23 -10.98 -7.78
CA ARG A 53 5.80 -10.96 -8.09
C ARG A 53 5.58 -10.05 -9.28
N ILE A 54 4.40 -10.17 -9.90
CA ILE A 54 4.02 -9.23 -10.96
C ILE A 54 2.98 -8.27 -10.38
N PRO A 55 2.81 -7.09 -11.00
CA PRO A 55 3.53 -6.61 -12.18
C PRO A 55 4.84 -5.91 -11.86
N ALA A 56 5.68 -5.76 -12.89
CA ALA A 56 6.85 -4.91 -12.80
C ALA A 56 7.03 -4.33 -14.21
N ILE A 57 7.65 -3.16 -14.30
CA ILE A 57 8.02 -2.60 -15.61
C ILE A 57 9.50 -2.21 -15.66
N VAL A 58 10.00 -2.10 -16.89
CA VAL A 58 11.28 -1.50 -17.15
C VAL A 58 11.00 -0.41 -18.18
N ASP A 59 11.41 0.80 -17.84
CA ASP A 59 11.17 1.93 -18.70
C ASP A 59 12.40 2.12 -19.59
N ARG A 60 12.28 1.68 -20.84
CA ARG A 60 13.39 1.77 -21.79
C ARG A 60 13.77 3.22 -22.05
N ASP A 61 12.78 4.11 -21.96
CA ASP A 61 12.96 5.54 -22.24
C ASP A 61 13.67 6.27 -21.11
N ASN A 62 14.03 5.53 -20.06
CA ASN A 62 14.61 6.14 -18.87
C ASN A 62 15.75 5.24 -18.37
N ASP A 63 16.68 4.91 -19.27
CA ASP A 63 17.83 4.07 -18.93
C ASP A 63 17.45 2.71 -18.33
N ASP A 64 16.40 2.08 -18.84
CA ASP A 64 16.02 0.77 -18.34
C ASP A 64 15.77 0.76 -16.84
N PHE A 65 15.11 1.81 -16.35
CA PHE A 65 14.77 1.89 -14.94
C PHE A 65 13.65 0.92 -14.59
N ALA A 66 13.86 0.10 -13.57
CA ALA A 66 12.87 -0.88 -13.16
C ALA A 66 11.93 -0.27 -12.10
N VAL A 67 10.63 -0.58 -12.20
CA VAL A 67 9.65 -0.18 -11.18
C VAL A 67 8.81 -1.42 -10.82
N PHE A 68 8.79 -1.79 -9.55
CA PHE A 68 7.93 -2.87 -9.08
C PHE A 68 6.90 -2.31 -8.08
N GLU A 69 5.91 -3.13 -7.72
CA GLU A 69 4.73 -2.73 -6.93
C GLU A 69 3.72 -1.95 -7.81
N SER A 70 2.56 -2.57 -8.05
CA SER A 70 1.55 -1.93 -8.91
C SER A 70 1.29 -0.47 -8.57
N GLY A 71 1.16 -0.15 -7.29
CA GLY A 71 0.82 1.22 -6.90
C GLY A 71 1.93 2.18 -7.26
N ALA A 72 3.18 1.76 -7.07
CA ALA A 72 4.34 2.58 -7.44
C ALA A 72 4.43 2.75 -8.99
N ILE A 73 4.07 1.70 -9.73
CA ILE A 73 4.10 1.75 -11.18
C ILE A 73 3.07 2.74 -11.69
N LEU A 74 1.87 2.71 -11.10
CA LEU A 74 0.83 3.66 -11.45
C LEU A 74 1.26 5.11 -11.23
N ILE A 75 1.84 5.41 -10.07
CA ILE A 75 2.29 6.75 -9.79
C ILE A 75 3.39 7.18 -10.78
N TYR A 76 4.31 6.26 -11.03
CA TYR A 76 5.40 6.50 -11.99
C TYR A 76 4.88 6.87 -13.38
N LEU A 77 3.95 6.06 -13.88
CA LEU A 77 3.38 6.29 -15.21
C LEU A 77 2.56 7.58 -15.25
N ALA A 78 1.80 7.85 -14.21
CA ALA A 78 1.01 9.09 -14.16
C ALA A 78 1.93 10.31 -14.16
N GLU A 79 3.04 10.21 -13.43
CA GLU A 79 3.98 11.33 -13.37
C GLU A 79 4.73 11.52 -14.69
N LYS A 80 5.01 10.41 -15.34
CA LYS A 80 5.68 10.41 -16.62
C LYS A 80 4.80 11.09 -17.68
N THR A 81 3.50 10.79 -17.67
CA THR A 81 2.63 11.23 -18.75
C THR A 81 1.85 12.50 -18.42
N GLY A 82 1.76 12.83 -17.13
CA GLY A 82 0.93 13.94 -16.69
C GLY A 82 -0.56 13.57 -16.73
N GLN A 83 -0.85 12.29 -16.92
CA GLN A 83 -2.25 11.82 -16.99
C GLN A 83 -2.72 11.11 -15.71
N LEU A 84 -4.02 11.22 -15.41
CA LEU A 84 -4.69 10.39 -14.41
C LEU A 84 -4.22 10.63 -12.98
N MET A 85 -3.62 11.79 -12.74
CA MET A 85 -3.36 12.28 -11.37
C MET A 85 -3.20 13.79 -11.45
N PRO A 86 -3.99 14.56 -10.67
CA PRO A 86 -3.83 16.01 -10.78
C PRO A 86 -2.45 16.50 -10.37
N ALA A 87 -2.08 17.68 -10.86
CA ALA A 87 -0.81 18.32 -10.51
C ALA A 87 -0.86 19.08 -9.17
N ASP A 88 -2.04 19.52 -8.74
CA ASP A 88 -2.11 20.36 -7.53
C ASP A 88 -2.00 19.52 -6.26
N VAL A 89 -1.63 20.19 -5.16
CA VAL A 89 -1.31 19.49 -3.93
C VAL A 89 -2.45 18.63 -3.41
N LYS A 90 -3.62 19.22 -3.24
CA LYS A 90 -4.76 18.48 -2.71
C LYS A 90 -5.25 17.40 -3.67
N GLY A 91 -5.36 17.76 -4.95
CA GLY A 91 -5.79 16.79 -5.97
C GLY A 91 -4.87 15.57 -6.03
N ARG A 92 -3.56 15.81 -6.06
CA ARG A 92 -2.57 14.72 -6.06
CA ARG A 92 -2.59 14.72 -6.08
C ARG A 92 -2.74 13.89 -4.80
N SER A 93 -2.88 14.55 -3.65
CA SER A 93 -2.94 13.79 -2.40
C SER A 93 -4.20 12.93 -2.33
N ARG A 94 -5.33 13.46 -2.81
CA ARG A 94 -6.55 12.64 -2.80
C ARG A 94 -6.36 11.34 -3.56
N VAL A 95 -5.66 11.40 -4.70
CA VAL A 95 -5.40 10.20 -5.49
C VAL A 95 -4.52 9.23 -4.70
N ILE A 96 -3.47 9.77 -4.11
CA ILE A 96 -2.55 8.91 -3.39
C ILE A 96 -3.20 8.27 -2.15
N GLN A 97 -4.08 9.01 -1.48
CA GLN A 97 -4.78 8.46 -0.33
C GLN A 97 -5.65 7.27 -0.71
N TRP A 98 -6.48 7.42 -1.75
CA TRP A 98 -7.31 6.32 -2.22
C TRP A 98 -6.52 5.20 -2.85
N LEU A 99 -5.36 5.52 -3.45
CA LEU A 99 -4.46 4.50 -3.97
C LEU A 99 -3.90 3.66 -2.81
N MET A 100 -3.50 4.33 -1.73
CA MET A 100 -2.95 3.62 -0.56
C MET A 100 -4.04 2.80 0.12
N PHE A 101 -5.26 3.31 0.12
CA PHE A 101 -6.40 2.57 0.67
C PHE A 101 -6.55 1.25 -0.08
N GLN A 102 -6.36 1.28 -1.40
CA GLN A 102 -6.43 0.05 -2.19
C GLN A 102 -5.24 -0.87 -1.88
N MET A 103 -4.04 -0.28 -1.83
CA MET A 103 -2.82 -1.06 -1.75
C MET A 103 -2.69 -1.72 -0.40
N GLY A 104 -3.16 -1.04 0.64
CA GLY A 104 -2.98 -1.55 2.00
C GLY A 104 -4.25 -2.23 2.49
N GLY A 105 -5.35 -2.00 1.81
CA GLY A 105 -6.62 -2.47 2.33
C GLY A 105 -7.33 -3.42 1.40
N VAL A 106 -7.89 -2.89 0.32
CA VAL A 106 -8.69 -3.71 -0.60
C VAL A 106 -7.88 -4.90 -1.15
N GLY A 107 -6.71 -4.64 -1.70
CA GLY A 107 -5.93 -5.72 -2.33
C GLY A 107 -5.58 -6.81 -1.33
N PRO A 108 -4.90 -6.45 -0.25
CA PRO A 108 -4.49 -7.46 0.72
C PRO A 108 -5.69 -8.20 1.33
N MET A 109 -6.72 -7.46 1.72
CA MET A 109 -7.83 -8.10 2.42
C MET A 109 -8.65 -8.99 1.48
N GLN A 110 -8.95 -8.48 0.29
CA GLN A 110 -9.71 -9.30 -0.63
C GLN A 110 -8.86 -10.48 -1.12
N GLY A 111 -7.55 -10.29 -1.22
CA GLY A 111 -6.65 -11.40 -1.53
C GLY A 111 -6.68 -12.51 -0.50
N GLN A 112 -6.76 -12.16 0.78
CA GLN A 112 -6.81 -13.19 1.84
C GLN A 112 -8.15 -13.90 1.82
N ALA A 113 -9.22 -13.17 1.51
CA ALA A 113 -10.52 -13.79 1.30
C ALA A 113 -10.43 -14.87 0.22
N ASN A 114 -9.76 -14.54 -0.88
CA ASN A 114 -9.56 -15.52 -1.95
C ASN A 114 -8.82 -16.74 -1.42
N VAL A 115 -7.76 -16.50 -0.65
CA VAL A 115 -6.97 -17.60 -0.13
C VAL A 115 -7.84 -18.54 0.70
N PHE A 116 -8.50 -18.03 1.73
CA PHE A 116 -9.24 -18.93 2.61
C PHE A 116 -10.51 -19.49 2.00
N PHE A 117 -11.13 -18.72 1.12
CA PHE A 117 -12.37 -19.14 0.47
C PHE A 117 -12.15 -20.15 -0.66
N ARG A 118 -10.99 -20.09 -1.31
CA ARG A 118 -10.79 -20.82 -2.57
C ARG A 118 -9.57 -21.73 -2.63
N TYR A 119 -8.51 -21.36 -1.91
CA TYR A 119 -7.20 -21.98 -2.11
C TYR A 119 -6.59 -22.67 -0.89
N PHE A 120 -7.08 -22.39 0.31
CA PHE A 120 -6.40 -22.87 1.53
C PHE A 120 -6.58 -24.38 1.73
N PRO A 121 -5.51 -25.09 2.18
CA PRO A 121 -5.55 -26.55 2.32
C PRO A 121 -6.62 -27.07 3.28
N GLU A 122 -7.17 -26.19 4.13
CA GLU A 122 -8.24 -26.58 5.05
C GLU A 122 -9.29 -25.49 5.12
N LYS A 123 -10.53 -25.87 5.42
CA LYS A 123 -11.61 -24.89 5.48
C LYS A 123 -11.70 -24.31 6.89
N LEU A 124 -11.44 -23.01 6.99
CA LEU A 124 -11.43 -22.34 8.28
C LEU A 124 -12.48 -21.25 8.24
N GLN A 125 -13.71 -21.61 8.61
CA GLN A 125 -14.82 -20.70 8.47
C GLN A 125 -14.54 -19.34 9.13
N GLY A 126 -13.84 -19.37 10.26
CA GLY A 126 -13.51 -18.14 10.98
C GLY A 126 -12.70 -17.19 10.13
N ALA A 127 -11.69 -17.73 9.46
CA ALA A 127 -10.82 -16.94 8.58
C ALA A 127 -11.56 -16.45 7.34
N ILE A 128 -12.37 -17.32 6.75
CA ILE A 128 -13.16 -16.94 5.59
C ILE A 128 -14.07 -15.77 5.94
N ASP A 129 -14.78 -15.90 7.06
CA ASP A 129 -15.69 -14.86 7.51
C ASP A 129 -14.94 -13.54 7.75
N ARG A 130 -13.80 -13.62 8.42
CA ARG A 130 -13.06 -12.44 8.75
C ARG A 130 -12.77 -11.61 7.49
N TYR A 131 -12.21 -12.24 6.47
CA TYR A 131 -11.76 -11.49 5.28
C TYR A 131 -12.90 -11.10 4.34
N GLN A 132 -13.97 -11.90 4.29
CA GLN A 132 -15.13 -11.53 3.50
C GLN A 132 -15.87 -10.37 4.16
N HIS A 133 -15.96 -10.39 5.49
CA HIS A 133 -16.57 -9.27 6.19
C HIS A 133 -15.72 -8.04 6.09
N GLU A 134 -14.40 -8.19 6.23
CA GLU A 134 -13.52 -7.01 6.11
C GLU A 134 -13.60 -6.44 4.68
N THR A 135 -13.66 -7.31 3.66
CA THR A 135 -13.77 -6.84 2.28
C THR A 135 -15.07 -6.07 2.07
N ARG A 136 -16.17 -6.61 2.57
CA ARG A 136 -17.45 -5.91 2.46
C ARG A 136 -17.38 -4.54 3.16
N ARG A 137 -16.73 -4.49 4.32
CA ARG A 137 -16.59 -3.23 5.04
C ARG A 137 -15.82 -2.21 4.20
N LEU A 138 -14.73 -2.64 3.58
CA LEU A 138 -14.00 -1.74 2.67
C LEU A 138 -14.87 -1.31 1.48
N TYR A 139 -15.69 -2.21 0.94
CA TYR A 139 -16.59 -1.81 -0.15
C TYR A 139 -17.58 -0.77 0.29
N GLU A 140 -18.07 -0.86 1.53
CA GLU A 140 -19.00 0.14 2.05
C GLU A 140 -18.36 1.52 2.21
N VAL A 141 -17.08 1.53 2.57
CA VAL A 141 -16.33 2.78 2.62
C VAL A 141 -16.19 3.36 1.22
N LEU A 142 -15.86 2.52 0.25
CA LEU A 142 -15.82 2.97 -1.14
C LEU A 142 -17.18 3.52 -1.54
N ASP A 143 -18.25 2.79 -1.21
CA ASP A 143 -19.59 3.23 -1.60
C ASP A 143 -19.95 4.60 -1.03
N GLY A 144 -19.55 4.86 0.21
CA GLY A 144 -19.82 6.14 0.87
C GLY A 144 -19.10 7.26 0.15
N ARG A 145 -17.82 7.06 -0.15
CA ARG A 145 -17.03 8.07 -0.83
C ARG A 145 -17.65 8.34 -2.19
N LEU A 146 -18.17 7.28 -2.83
CA LEU A 146 -18.69 7.42 -4.19
C LEU A 146 -20.07 8.11 -4.24
N GLY A 147 -20.62 8.41 -3.07
CA GLY A 147 -21.74 9.36 -2.95
C GLY A 147 -21.25 10.80 -2.94
N GLU A 148 -20.00 11.02 -2.57
CA GLU A 148 -19.46 12.39 -2.49
C GLU A 148 -18.84 12.85 -3.80
N ALA A 149 -18.45 11.90 -4.64
CA ALA A 149 -17.72 12.25 -5.86
C ALA A 149 -17.92 11.15 -6.91
N GLU A 150 -17.80 11.53 -8.19
CA GLU A 150 -18.02 10.61 -9.28
C GLU A 150 -17.01 9.46 -9.27
N TYR A 151 -15.76 9.80 -8.97
CA TYR A 151 -14.70 8.83 -8.85
C TYR A 151 -13.99 9.09 -7.53
N LEU A 152 -13.14 8.15 -7.12
CA LEU A 152 -12.64 8.17 -5.75
C LEU A 152 -11.95 9.48 -5.34
N ALA A 153 -11.18 10.06 -6.24
CA ALA A 153 -10.45 11.30 -5.96
C ALA A 153 -11.08 12.52 -6.64
N GLY A 154 -12.30 12.37 -7.12
CA GLY A 154 -12.97 13.43 -7.89
C GLY A 154 -13.10 13.01 -9.34
N ASP A 155 -12.15 13.43 -10.17
CA ASP A 155 -12.06 12.94 -11.54
C ASP A 155 -11.44 11.53 -11.56
N TYR A 156 -11.74 10.77 -12.60
CA TYR A 156 -11.19 9.42 -12.76
C TYR A 156 -9.66 9.48 -12.69
N SER A 157 -9.04 8.56 -11.97
CA SER A 157 -7.61 8.62 -11.77
C SER A 157 -7.01 7.22 -11.57
N ILE A 158 -5.70 7.17 -11.36
CA ILE A 158 -5.06 5.89 -11.07
C ILE A 158 -5.61 5.24 -9.79
N ALA A 159 -6.23 6.00 -8.89
CA ALA A 159 -6.85 5.37 -7.72
C ALA A 159 -8.02 4.47 -8.14
N ASP A 160 -8.83 4.91 -9.10
CA ASP A 160 -9.89 4.02 -9.59
C ASP A 160 -9.33 2.81 -10.33
N ILE A 161 -8.26 3.04 -11.11
CA ILE A 161 -7.68 1.97 -11.91
C ILE A 161 -7.09 0.89 -11.00
N ALA A 162 -6.56 1.30 -9.84
CA ALA A 162 -6.05 0.33 -8.87
C ALA A 162 -7.15 -0.51 -8.24
N THR A 163 -8.31 0.10 -8.04
CA THR A 163 -9.35 -0.50 -7.20
C THR A 163 -10.27 -1.38 -8.03
N TYR A 164 -10.57 -0.94 -9.24
CA TYR A 164 -11.51 -1.66 -10.09
C TYR A 164 -11.19 -3.16 -10.35
N PRO A 165 -9.93 -3.49 -10.69
CA PRO A 165 -9.71 -4.90 -11.00
C PRO A 165 -10.01 -5.84 -9.80
N TRP A 166 -9.96 -5.32 -8.58
CA TRP A 166 -10.31 -6.15 -7.41
C TRP A 166 -11.81 -6.20 -7.22
N VAL A 167 -12.46 -5.05 -7.26
CA VAL A 167 -13.92 -5.02 -7.10
C VAL A 167 -14.56 -5.91 -8.16
N ARG A 168 -14.04 -5.83 -9.37
CA ARG A 168 -14.55 -6.62 -10.48
C ARG A 168 -14.67 -8.12 -10.15
N ILE A 169 -13.77 -8.65 -9.35
CA ILE A 169 -13.79 -10.08 -9.06
C ILE A 169 -14.41 -10.40 -7.70
N HIS A 170 -15.30 -9.54 -7.22
CA HIS A 170 -15.91 -9.74 -5.91
C HIS A 170 -16.53 -11.12 -5.73
N ASP A 171 -17.18 -11.63 -6.78
CA ASP A 171 -17.84 -12.94 -6.70
C ASP A 171 -16.86 -14.08 -6.47
N TRP A 172 -15.69 -14.00 -7.08
CA TRP A 172 -14.67 -14.99 -6.81
C TRP A 172 -14.27 -14.97 -5.36
N SER A 173 -14.31 -13.79 -4.74
CA SER A 173 -13.90 -13.68 -3.35
C SER A 173 -15.04 -14.02 -2.38
N GLY A 174 -16.25 -14.14 -2.91
CA GLY A 174 -17.43 -14.45 -2.10
C GLY A 174 -18.05 -13.23 -1.46
N VAL A 175 -17.77 -12.05 -2.01
CA VAL A 175 -18.25 -10.81 -1.41
C VAL A 175 -19.22 -10.10 -2.34
N ALA A 176 -20.37 -9.71 -1.79
CA ALA A 176 -21.42 -9.05 -2.57
C ALA A 176 -21.21 -7.53 -2.67
N VAL A 177 -21.65 -6.94 -3.78
CA VAL A 177 -21.76 -5.49 -3.91
C VAL A 177 -23.22 -5.00 -3.81
N ASP A 178 -24.13 -5.94 -3.57
CA ASP A 178 -25.54 -5.59 -3.48
C ASP A 178 -25.82 -4.58 -2.37
N GLY A 179 -26.72 -3.65 -2.67
CA GLY A 179 -27.04 -2.62 -1.72
C GLY A 179 -26.10 -1.43 -1.80
N LEU A 180 -24.99 -1.56 -2.54
CA LEU A 180 -24.06 -0.43 -2.69
C LEU A 180 -24.24 0.28 -4.05
N ASP A 181 -25.23 1.17 -4.10
CA ASP A 181 -25.65 1.80 -5.35
C ASP A 181 -24.57 2.69 -6.01
N ASN A 182 -23.78 3.37 -5.18
CA ASN A 182 -22.75 4.26 -5.73
C ASN A 182 -21.60 3.44 -6.32
N LEU A 183 -21.18 2.43 -5.57
CA LEU A 183 -20.16 1.50 -6.04
C LEU A 183 -20.61 0.86 -7.35
N GLN A 184 -21.88 0.43 -7.42
CA GLN A 184 -22.39 -0.18 -8.64
C GLN A 184 -22.39 0.79 -9.83
N ARG A 185 -22.63 2.08 -9.57
CA ARG A 185 -22.61 3.09 -10.63
C ARG A 185 -21.17 3.19 -11.16
N TRP A 186 -20.23 3.15 -10.22
CA TRP A 186 -18.81 3.31 -10.56
C TRP A 186 -18.31 2.10 -11.30
N ILE A 187 -18.70 0.90 -10.87
CA ILE A 187 -18.34 -0.32 -11.60
C ILE A 187 -18.80 -0.23 -13.06
N ALA A 188 -20.04 0.16 -13.25
CA ALA A 188 -20.60 0.22 -14.61
C ALA A 188 -19.91 1.29 -15.46
N ALA A 189 -19.53 2.39 -14.83
CA ALA A 189 -18.93 3.50 -15.60
C ALA A 189 -17.53 3.07 -16.05
N ILE A 190 -16.82 2.38 -15.17
CA ILE A 190 -15.46 1.99 -15.52
C ILE A 190 -15.47 0.82 -16.49
N GLU A 191 -16.38 -0.13 -16.32
CA GLU A 191 -16.36 -1.29 -17.22
C GLU A 191 -16.73 -0.89 -18.65
N ALA A 192 -17.34 0.29 -18.80
CA ALA A 192 -17.72 0.80 -20.12
C ALA A 192 -16.58 1.46 -20.88
N ARG A 193 -15.44 1.67 -20.23
CA ARG A 193 -14.31 2.37 -20.85
C ARG A 193 -13.53 1.42 -21.77
N PRO A 194 -13.38 1.79 -23.03
CA PRO A 194 -12.60 0.98 -23.97
C PRO A 194 -11.22 0.56 -23.43
N ALA A 195 -10.48 1.47 -22.80
CA ALA A 195 -9.11 1.12 -22.34
C ALA A 195 -9.15 0.08 -21.23
N VAL A 196 -10.19 0.11 -20.40
CA VAL A 196 -10.35 -0.89 -19.35
C VAL A 196 -10.62 -2.25 -20.00
N GLN A 197 -11.54 -2.27 -20.95
CA GLN A 197 -11.82 -3.50 -21.69
C GLN A 197 -10.57 -4.08 -22.35
N ARG A 198 -9.74 -3.23 -22.97
CA ARG A 198 -8.48 -3.71 -23.56
C ARG A 198 -7.47 -4.21 -22.49
N GLY A 199 -7.33 -3.45 -21.41
CA GLY A 199 -6.35 -3.77 -20.35
C GLY A 199 -6.65 -5.09 -19.68
N LEU A 200 -7.93 -5.41 -19.56
CA LEU A 200 -8.36 -6.64 -18.90
C LEU A 200 -8.04 -7.89 -19.72
N LEU A 201 -7.67 -7.71 -21.00
CA LEU A 201 -7.36 -8.82 -21.88
C LEU A 201 -5.86 -9.14 -21.91
N VAL A 202 -5.07 -8.36 -21.18
CA VAL A 202 -3.61 -8.49 -21.18
C VAL A 202 -3.16 -9.19 -19.91
N PRO A 203 -2.39 -10.28 -20.02
CA PRO A 203 -1.91 -10.90 -21.25
C PRO A 203 -2.93 -11.91 -21.76
N ARG A 204 -2.86 -12.25 -23.05
CA ARG A 204 -3.75 -13.27 -23.63
C ARG A 204 -3.33 -14.67 -23.18
N ARG A 205 -4.29 -15.56 -23.11
CA ARG A 205 -3.98 -16.97 -22.93
C ARG A 205 -3.30 -17.49 -24.17
N MET B 1 0.45 29.42 12.32
CA MET B 1 0.27 29.05 10.89
C MET B 1 0.47 27.55 10.69
N VAL B 2 1.72 27.10 10.78
CA VAL B 2 2.09 25.70 10.55
C VAL B 2 1.71 24.81 11.73
N MET B 3 0.86 23.82 11.48
CA MET B 3 0.44 22.91 12.54
C MET B 3 -0.21 21.68 11.90
N ILE B 4 0.27 20.50 12.28
CA ILE B 4 -0.34 19.26 11.84
C ILE B 4 -1.13 18.72 13.03
N ASP B 5 -2.42 18.44 12.84
CA ASP B 5 -3.15 17.68 13.87
C ASP B 5 -2.99 16.18 13.57
N LEU B 6 -2.49 15.42 14.54
CA LEU B 6 -2.24 14.00 14.32
C LEU B 6 -3.23 13.16 15.14
N TYR B 7 -4.03 12.36 14.44
CA TYR B 7 -4.95 11.40 15.10
C TYR B 7 -4.32 10.03 15.06
N THR B 8 -4.01 9.47 16.23
CA THR B 8 -3.12 8.33 16.26
C THR B 8 -3.36 7.45 17.51
N ALA B 9 -2.59 6.37 17.61
CA ALA B 9 -2.60 5.49 18.77
C ALA B 9 -1.25 4.79 18.78
N ALA B 10 -0.93 4.08 19.85
CA ALA B 10 0.40 3.49 19.97
C ALA B 10 0.44 2.18 19.18
N THR B 11 0.64 2.26 17.86
CA THR B 11 0.69 1.08 17.02
C THR B 11 1.73 1.38 15.95
N PRO B 12 2.19 0.35 15.22
CA PRO B 12 3.26 0.59 14.24
C PRO B 12 2.84 1.63 13.21
N ASN B 13 1.59 1.58 12.74
CA ASN B 13 1.16 2.56 11.73
C ASN B 13 1.11 3.99 12.26
N GLY B 14 0.74 4.15 13.53
CA GLY B 14 0.81 5.46 14.15
C GLY B 14 2.24 5.97 14.27
N HIS B 15 3.15 5.10 14.70
CA HIS B 15 4.54 5.46 14.89
C HIS B 15 5.24 5.89 13.62
N LYS B 16 4.83 5.32 12.49
CA LYS B 16 5.35 5.82 11.20
C LYS B 16 5.25 7.33 11.10
N VAL B 17 4.08 7.86 11.41
CA VAL B 17 3.81 9.28 11.21
C VAL B 17 4.44 10.13 12.31
N SER B 18 4.38 9.69 13.56
CA SER B 18 5.02 10.49 14.61
C SER B 18 6.54 10.52 14.40
N ILE B 19 7.11 9.40 13.97
CA ILE B 19 8.55 9.39 13.63
C ILE B 19 8.83 10.38 12.52
N ALA B 20 8.07 10.32 11.43
CA ALA B 20 8.28 11.28 10.35
C ALA B 20 8.17 12.73 10.83
N LEU B 21 7.15 13.03 11.64
CA LEU B 21 6.98 14.41 12.11
C LEU B 21 8.18 14.88 12.94
N GLU B 22 8.66 13.99 13.81
CA GLU B 22 9.84 14.29 14.65
C GLU B 22 11.10 14.46 13.79
N GLU B 23 11.28 13.61 12.78
CA GLU B 23 12.43 13.76 11.88
C GLU B 23 12.37 15.10 11.15
N MET B 24 11.17 15.52 10.74
CA MET B 24 11.07 16.71 9.89
C MET B 24 11.05 18.02 10.66
N GLY B 25 10.78 17.92 11.96
CA GLY B 25 10.73 19.10 12.82
C GLY B 25 9.46 19.91 12.68
N LEU B 26 8.39 19.29 12.19
CA LEU B 26 7.13 19.99 12.00
C LEU B 26 6.38 20.07 13.32
N PRO B 27 5.76 21.23 13.59
CA PRO B 27 4.94 21.36 14.78
C PRO B 27 3.67 20.52 14.60
N TYR B 28 3.27 19.80 15.64
CA TYR B 28 2.08 18.98 15.56
C TYR B 28 1.45 18.84 16.92
N ARG B 29 0.18 18.47 16.95
CA ARG B 29 -0.41 18.11 18.22
C ARG B 29 -1.17 16.81 18.08
N VAL B 30 -1.23 16.09 19.19
CA VAL B 30 -1.65 14.71 19.16
C VAL B 30 -3.05 14.58 19.69
N HIS B 31 -3.90 13.93 18.90
CA HIS B 31 -5.19 13.43 19.36
C HIS B 31 -5.09 11.95 19.47
N ALA B 32 -4.91 11.46 20.70
CA ALA B 32 -4.78 10.01 20.91
C ALA B 32 -6.15 9.36 21.00
N LEU B 33 -6.48 8.55 20.01
CA LEU B 33 -7.77 7.86 19.96
C LEU B 33 -7.80 6.58 20.78
N SER B 34 -8.83 6.41 21.59
CA SER B 34 -9.02 5.19 22.37
C SER B 34 -9.80 4.15 21.55
N PHE B 35 -9.17 3.01 21.27
CA PHE B 35 -9.84 1.91 20.59
C PHE B 35 -10.88 1.30 21.53
N ASP B 36 -10.55 1.24 22.82
CA ASP B 36 -11.47 0.74 23.84
C ASP B 36 -12.85 1.35 23.70
N LYS B 37 -12.89 2.67 23.49
CA LYS B 37 -14.15 3.39 23.38
C LYS B 37 -14.60 3.63 21.93
N LYS B 38 -14.03 2.89 20.99
CA LYS B 38 -14.40 3.01 19.56
C LYS B 38 -14.35 4.45 19.02
N GLU B 39 -13.40 5.26 19.50
CA GLU B 39 -13.34 6.66 19.08
C GLU B 39 -12.98 6.79 17.60
N GLN B 40 -12.25 5.79 17.09
CA GLN B 40 -11.89 5.78 15.67
C GLN B 40 -13.10 5.52 14.76
N LYS B 41 -14.21 5.06 15.35
CA LYS B 41 -15.45 4.86 14.59
C LYS B 41 -16.50 5.96 14.84
N ALA B 42 -16.15 6.99 15.61
CA ALA B 42 -17.09 8.09 15.87
C ALA B 42 -17.30 8.91 14.61
N PRO B 43 -18.52 9.43 14.40
CA PRO B 43 -18.84 10.23 13.22
C PRO B 43 -17.90 11.40 12.95
N GLU B 44 -17.46 12.11 13.99
CA GLU B 44 -16.58 13.26 13.78
C GLU B 44 -15.21 12.84 13.24
N PHE B 45 -14.76 11.65 13.61
CA PHE B 45 -13.53 11.13 13.05
C PHE B 45 -13.69 10.56 11.64
N LEU B 46 -14.85 9.97 11.33
CA LEU B 46 -15.10 9.44 9.98
C LEU B 46 -15.10 10.56 8.95
N ARG B 47 -15.36 11.78 9.41
CA ARG B 47 -15.28 12.93 8.52
C ARG B 47 -13.84 13.18 8.06
N ILE B 48 -12.88 12.74 8.86
CA ILE B 48 -11.47 12.91 8.55
C ILE B 48 -10.92 11.67 7.83
N ASN B 49 -11.19 10.49 8.39
CA ASN B 49 -10.84 9.23 7.71
C ASN B 49 -12.07 8.33 7.63
N PRO B 50 -12.68 8.25 6.44
CA PRO B 50 -13.90 7.45 6.29
C PRO B 50 -13.70 5.95 6.59
N ASN B 51 -12.44 5.49 6.60
CA ASN B 51 -12.11 4.11 6.93
C ASN B 51 -12.15 3.86 8.44
N GLY B 52 -12.13 4.92 9.23
CA GLY B 52 -12.23 4.80 10.68
C GLY B 52 -11.01 4.08 11.25
N ARG B 53 -9.83 4.48 10.78
CA ARG B 53 -8.60 3.92 11.35
C ARG B 53 -7.57 5.02 11.52
N ILE B 54 -6.53 4.72 12.30
CA ILE B 54 -5.45 5.68 12.47
C ILE B 54 -4.24 5.12 11.75
N PRO B 55 -3.30 5.99 11.37
CA PRO B 55 -3.32 7.43 11.62
C PRO B 55 -4.05 8.25 10.55
N ALA B 56 -4.40 9.49 10.89
CA ALA B 56 -4.85 10.46 9.91
C ALA B 56 -4.30 11.80 10.37
N ILE B 57 -4.07 12.72 9.44
CA ILE B 57 -3.69 14.08 9.83
C ILE B 57 -4.65 15.11 9.24
N VAL B 58 -4.68 16.27 9.88
CA VAL B 58 -5.33 17.44 9.33
C VAL B 58 -4.27 18.53 9.29
N ASP B 59 -4.03 19.06 8.11
CA ASP B 59 -3.02 20.10 7.92
C ASP B 59 -3.71 21.46 8.07
N ARG B 60 -3.51 22.08 9.23
CA ARG B 60 -4.28 23.28 9.57
C ARG B 60 -3.88 24.44 8.67
N ASP B 61 -2.64 24.42 8.20
CA ASP B 61 -2.10 25.46 7.34
C ASP B 61 -2.58 25.35 5.88
N ASN B 62 -3.22 24.23 5.54
CA ASN B 62 -3.68 23.99 4.19
C ASN B 62 -5.19 23.82 4.20
N ASP B 63 -5.88 24.79 4.79
CA ASP B 63 -7.35 24.80 4.87
C ASP B 63 -7.91 23.55 5.53
N ASP B 64 -7.23 23.07 6.58
CA ASP B 64 -7.64 21.88 7.29
C ASP B 64 -7.80 20.67 6.36
N PHE B 65 -6.85 20.52 5.43
CA PHE B 65 -6.87 19.39 4.50
C PHE B 65 -6.60 18.07 5.24
N ALA B 66 -7.48 17.10 5.07
CA ALA B 66 -7.29 15.79 5.71
C ALA B 66 -6.49 14.83 4.84
N VAL B 67 -5.61 14.06 5.46
CA VAL B 67 -4.89 12.99 4.76
C VAL B 67 -4.95 11.72 5.61
N PHE B 68 -5.51 10.64 5.05
CA PHE B 68 -5.53 9.35 5.76
C PHE B 68 -4.66 8.34 4.99
N GLU B 69 -4.36 7.20 5.63
CA GLU B 69 -3.39 6.20 5.15
C GLU B 69 -1.94 6.63 5.44
N SER B 70 -1.30 5.87 6.29
CA SER B 70 0.04 6.23 6.76
C SER B 70 0.98 6.53 5.59
N GLY B 71 1.00 5.66 4.58
CA GLY B 71 1.86 5.88 3.39
C GLY B 71 1.56 7.17 2.62
N ALA B 72 0.28 7.51 2.49
CA ALA B 72 -0.10 8.79 1.85
C ALA B 72 0.31 10.00 2.69
N ILE B 73 0.22 9.86 4.02
CA ILE B 73 0.62 10.92 4.91
C ILE B 73 2.14 11.14 4.81
N LEU B 74 2.90 10.05 4.77
CA LEU B 74 4.34 10.15 4.65
C LEU B 74 4.72 10.89 3.36
N ILE B 75 4.06 10.53 2.25
CA ILE B 75 4.34 11.21 0.98
C ILE B 75 3.96 12.70 1.07
N TYR B 76 2.78 12.98 1.61
CA TYR B 76 2.33 14.38 1.78
C TYR B 76 3.35 15.21 2.59
N LEU B 77 3.77 14.69 3.73
CA LEU B 77 4.72 15.41 4.60
C LEU B 77 6.08 15.59 3.93
N ALA B 78 6.53 14.55 3.21
CA ALA B 78 7.86 14.64 2.55
C ALA B 78 7.84 15.70 1.48
N GLU B 79 6.72 15.82 0.77
CA GLU B 79 6.61 16.80 -0.31
C GLU B 79 6.47 18.19 0.27
N LYS B 80 5.73 18.29 1.38
CA LYS B 80 5.55 19.55 2.09
C LYS B 80 6.89 20.14 2.57
N THR B 81 7.80 19.28 3.07
CA THR B 81 9.04 19.78 3.68
C THR B 81 10.28 19.64 2.82
N GLY B 82 10.18 18.87 1.75
CA GLY B 82 11.33 18.56 0.90
C GLY B 82 12.30 17.59 1.56
N GLN B 83 11.90 16.96 2.65
CA GLN B 83 12.79 16.02 3.34
C GLN B 83 12.43 14.54 3.12
N LEU B 84 13.43 13.67 3.13
CA LEU B 84 13.19 12.22 3.26
C LEU B 84 12.55 11.55 2.03
N MET B 85 12.69 12.23 0.89
CA MET B 85 12.38 11.66 -0.42
C MET B 85 13.02 12.57 -1.47
N PRO B 86 13.93 12.01 -2.29
CA PRO B 86 14.62 12.81 -3.31
C PRO B 86 13.65 13.43 -4.31
N ALA B 87 14.06 14.52 -4.96
CA ALA B 87 13.18 15.23 -5.91
C ALA B 87 13.31 14.69 -7.31
N ASP B 88 14.41 13.99 -7.60
CA ASP B 88 14.64 13.49 -8.95
C ASP B 88 13.79 12.26 -9.22
N VAL B 89 13.52 12.01 -10.51
CA VAL B 89 12.59 10.95 -10.91
C VAL B 89 12.94 9.57 -10.36
N LYS B 90 14.18 9.13 -10.53
CA LYS B 90 14.53 7.78 -10.07
C LYS B 90 14.56 7.66 -8.56
N GLY B 91 15.14 8.67 -7.90
CA GLY B 91 15.27 8.67 -6.45
C GLY B 91 13.90 8.63 -5.81
N ARG B 92 13.00 9.47 -6.32
CA ARG B 92 11.62 9.50 -5.84
CA ARG B 92 11.63 9.50 -5.85
C ARG B 92 10.94 8.15 -6.04
N SER B 93 11.06 7.58 -7.24
CA SER B 93 10.38 6.32 -7.50
C SER B 93 10.89 5.20 -6.63
N ARG B 94 12.20 5.14 -6.37
CA ARG B 94 12.73 4.08 -5.49
CA ARG B 94 12.71 4.06 -5.51
C ARG B 94 12.07 4.15 -4.12
N VAL B 95 11.94 5.36 -3.60
CA VAL B 95 11.30 5.52 -2.28
C VAL B 95 9.87 4.99 -2.34
N ILE B 96 9.16 5.39 -3.39
CA ILE B 96 7.76 5.01 -3.48
C ILE B 96 7.59 3.51 -3.68
N GLN B 97 8.52 2.90 -4.41
CA GLN B 97 8.50 1.45 -4.56
C GLN B 97 8.61 0.71 -3.23
N TRP B 98 9.61 1.06 -2.41
CA TRP B 98 9.79 0.39 -1.12
C TRP B 98 8.70 0.74 -0.13
N LEU B 99 8.20 1.97 -0.21
CA LEU B 99 7.02 2.36 0.57
C LEU B 99 5.79 1.48 0.22
N MET B 100 5.54 1.29 -1.07
CA MET B 100 4.44 0.39 -1.49
C MET B 100 4.69 -1.06 -1.05
N PHE B 101 5.94 -1.51 -1.12
CA PHE B 101 6.24 -2.86 -0.63
C PHE B 101 5.83 -2.99 0.85
N GLN B 102 6.08 -1.94 1.63
CA GLN B 102 5.66 -1.95 3.04
C GLN B 102 4.14 -1.89 3.17
N MET B 103 3.51 -1.00 2.40
CA MET B 103 2.07 -0.76 2.56
C MET B 103 1.24 -1.97 2.11
N GLY B 104 1.72 -2.69 1.10
CA GLY B 104 0.95 -3.77 0.49
C GLY B 104 1.42 -5.12 1.00
N GLY B 105 2.63 -5.17 1.54
CA GLY B 105 3.25 -6.44 1.92
C GLY B 105 3.51 -6.52 3.41
N VAL B 106 4.54 -5.81 3.87
CA VAL B 106 4.97 -5.96 5.26
C VAL B 106 3.87 -5.67 6.29
N GLY B 107 3.23 -4.52 6.16
CA GLY B 107 2.22 -4.09 7.13
C GLY B 107 1.05 -5.05 7.17
N PRO B 108 0.44 -5.32 5.99
CA PRO B 108 -0.74 -6.20 6.04
C PRO B 108 -0.38 -7.62 6.47
N MET B 109 0.73 -8.16 5.98
CA MET B 109 1.01 -9.57 6.29
C MET B 109 1.41 -9.74 7.75
N GLN B 110 2.26 -8.84 8.26
CA GLN B 110 2.66 -8.92 9.66
C GLN B 110 1.48 -8.62 10.59
N GLY B 111 0.60 -7.73 10.16
CA GLY B 111 -0.60 -7.47 10.91
C GLY B 111 -1.48 -8.72 11.03
N GLN B 112 -1.61 -9.51 9.96
CA GLN B 112 -2.39 -10.77 10.07
C GLN B 112 -1.66 -11.80 10.94
N ALA B 113 -0.34 -11.79 10.91
CA ALA B 113 0.40 -12.64 11.84
C ALA B 113 0.05 -12.26 13.30
N ASN B 114 -0.04 -10.95 13.59
CA ASN B 114 -0.47 -10.50 14.92
C ASN B 114 -1.86 -11.01 15.27
N VAL B 115 -2.78 -10.86 14.33
CA VAL B 115 -4.16 -11.27 14.51
C VAL B 115 -4.27 -12.73 14.94
N PHE B 116 -3.68 -13.64 14.18
CA PHE B 116 -3.84 -15.07 14.47
C PHE B 116 -2.94 -15.56 15.59
N PHE B 117 -1.78 -14.94 15.74
CA PHE B 117 -0.84 -15.34 16.79
C PHE B 117 -1.29 -14.86 18.18
N ARG B 118 -1.92 -13.69 18.23
CA ARG B 118 -2.15 -12.98 19.50
C ARG B 118 -3.60 -12.63 19.81
N TYR B 119 -4.42 -12.36 18.79
CA TYR B 119 -5.73 -11.76 19.05
C TYR B 119 -6.95 -12.60 18.72
N PHE B 120 -6.78 -13.62 17.88
CA PHE B 120 -7.94 -14.33 17.34
C PHE B 120 -8.54 -15.23 18.43
N PRO B 121 -9.89 -15.28 18.51
CA PRO B 121 -10.56 -16.02 19.59
C PRO B 121 -10.09 -17.48 19.66
N GLU B 122 -9.94 -18.10 18.51
CA GLU B 122 -9.51 -19.49 18.43
C GLU B 122 -8.10 -19.58 17.87
N LYS B 123 -7.36 -20.61 18.25
CA LYS B 123 -6.02 -20.82 17.72
C LYS B 123 -6.05 -21.60 16.40
N LEU B 124 -5.60 -20.97 15.31
CA LEU B 124 -5.56 -21.62 14.00
C LEU B 124 -4.14 -21.71 13.46
N GLN B 125 -3.44 -22.79 13.79
CA GLN B 125 -2.02 -22.91 13.47
C GLN B 125 -1.71 -22.73 11.99
N GLY B 126 -2.62 -23.17 11.12
CA GLY B 126 -2.41 -23.08 9.68
C GLY B 126 -2.31 -21.62 9.24
N ALA B 127 -3.21 -20.79 9.76
CA ALA B 127 -3.21 -19.35 9.50
C ALA B 127 -1.99 -18.65 10.14
N ILE B 128 -1.68 -19.03 11.37
CA ILE B 128 -0.47 -18.50 12.01
C ILE B 128 0.77 -18.75 11.17
N ASP B 129 0.94 -19.98 10.69
CA ASP B 129 2.14 -20.32 9.94
C ASP B 129 2.17 -19.55 8.62
N ARG B 130 1.03 -19.47 7.96
CA ARG B 130 0.96 -18.77 6.68
C ARG B 130 1.54 -17.36 6.85
N TYR B 131 1.06 -16.62 7.85
CA TYR B 131 1.47 -15.20 7.97
C TYR B 131 2.85 -15.01 8.54
N GLN B 132 3.25 -15.89 9.45
CA GLN B 132 4.61 -15.78 9.97
C GLN B 132 5.60 -16.13 8.90
N HIS B 133 5.28 -17.13 8.08
CA HIS B 133 6.15 -17.51 6.97
C HIS B 133 6.19 -16.45 5.90
N GLU B 134 5.04 -15.87 5.57
CA GLU B 134 5.04 -14.79 4.57
C GLU B 134 5.81 -13.56 5.10
N THR B 135 5.67 -13.24 6.39
CA THR B 135 6.40 -12.08 6.92
C THR B 135 7.90 -12.34 6.84
N ARG B 136 8.30 -13.55 7.20
CA ARG B 136 9.72 -13.86 7.14
C ARG B 136 10.26 -13.76 5.70
N ARG B 137 9.49 -14.22 4.71
CA ARG B 137 9.91 -14.10 3.32
C ARG B 137 10.11 -12.62 2.94
N LEU B 138 9.17 -11.77 3.35
CA LEU B 138 9.30 -10.33 3.10
C LEU B 138 10.54 -9.76 3.81
N TYR B 139 10.80 -10.19 5.04
CA TYR B 139 12.02 -9.76 5.73
C TYR B 139 13.26 -10.17 4.93
N GLU B 140 13.20 -11.33 4.28
CA GLU B 140 14.34 -11.76 3.46
C GLU B 140 14.52 -10.93 2.21
N VAL B 141 13.41 -10.48 1.63
CA VAL B 141 13.51 -9.52 0.54
C VAL B 141 14.19 -8.22 1.02
N LEU B 142 13.82 -7.74 2.19
CA LEU B 142 14.40 -6.52 2.74
C LEU B 142 15.89 -6.73 3.01
N ASP B 143 16.22 -7.85 3.65
CA ASP B 143 17.61 -8.17 3.95
C ASP B 143 18.47 -8.16 2.69
N GLY B 144 17.95 -8.76 1.63
CA GLY B 144 18.65 -8.78 0.35
C GLY B 144 18.88 -7.41 -0.22
N ARG B 145 17.87 -6.55 -0.13
CA ARG B 145 18.01 -5.20 -0.65
C ARG B 145 19.04 -4.42 0.19
N LEU B 146 19.05 -4.68 1.49
CA LEU B 146 19.91 -3.91 2.40
C LEU B 146 21.35 -4.43 2.33
N GLY B 147 21.56 -5.46 1.51
CA GLY B 147 22.90 -5.89 1.14
C GLY B 147 23.48 -5.05 0.01
N GLU B 148 22.62 -4.37 -0.75
CA GLU B 148 23.07 -3.54 -1.89
C GLU B 148 23.06 -2.04 -1.58
N ALA B 149 22.31 -1.64 -0.56
CA ALA B 149 22.16 -0.23 -0.23
C ALA B 149 22.08 -0.03 1.28
N GLU B 150 22.52 1.12 1.75
CA GLU B 150 22.52 1.34 3.20
C GLU B 150 21.09 1.41 3.74
N TYR B 151 20.21 2.08 3.00
CA TYR B 151 18.79 2.13 3.38
C TYR B 151 17.98 1.70 2.15
N LEU B 152 16.67 1.53 2.29
CA LEU B 152 15.93 0.84 1.24
C LEU B 152 15.99 1.52 -0.13
N ALA B 153 15.92 2.85 -0.14
CA ALA B 153 15.94 3.60 -1.40
C ALA B 153 17.32 4.23 -1.67
N GLY B 154 18.31 3.84 -0.89
CA GLY B 154 19.62 4.51 -0.97
C GLY B 154 19.92 5.24 0.33
N ASP B 155 19.64 6.55 0.36
CA ASP B 155 19.68 7.30 1.62
C ASP B 155 18.41 7.02 2.42
N TYR B 156 18.48 7.25 3.72
CA TYR B 156 17.33 7.15 4.63
C TYR B 156 16.14 7.97 4.11
N SER B 157 14.95 7.37 4.15
CA SER B 157 13.78 8.03 3.56
C SER B 157 12.53 7.57 4.27
N ILE B 158 11.39 8.13 3.86
CA ILE B 158 10.10 7.66 4.39
C ILE B 158 9.85 6.18 4.16
N ALA B 159 10.52 5.55 3.21
CA ALA B 159 10.38 4.10 3.04
C ALA B 159 10.91 3.35 4.26
N ASP B 160 12.05 3.78 4.79
CA ASP B 160 12.58 3.15 6.02
C ASP B 160 11.71 3.45 7.22
N ILE B 161 11.19 4.69 7.28
CA ILE B 161 10.27 5.11 8.34
C ILE B 161 8.96 4.30 8.35
N ALA B 162 8.43 3.97 7.18
CA ALA B 162 7.23 3.11 7.10
C ALA B 162 7.48 1.70 7.60
N THR B 163 8.69 1.18 7.34
CA THR B 163 8.98 -0.23 7.48
C THR B 163 9.48 -0.55 8.88
N TYR B 164 10.32 0.33 9.41
CA TYR B 164 10.92 0.07 10.72
C TYR B 164 9.99 -0.25 11.88
N PRO B 165 8.87 0.50 12.05
CA PRO B 165 8.00 0.24 13.19
C PRO B 165 7.36 -1.15 13.17
N TRP B 166 7.20 -1.72 11.99
CA TRP B 166 6.78 -3.13 11.91
C TRP B 166 7.90 -4.09 12.23
N VAL B 167 9.05 -3.91 11.57
CA VAL B 167 10.16 -4.85 11.82
C VAL B 167 10.53 -4.86 13.32
N ARG B 168 10.53 -3.66 13.92
CA ARG B 168 10.78 -3.48 15.35
C ARG B 168 10.03 -4.48 16.25
N ILE B 169 8.78 -4.80 15.92
CA ILE B 169 7.99 -5.70 16.78
C ILE B 169 7.91 -7.14 16.27
N HIS B 170 8.91 -7.58 15.51
CA HIS B 170 8.91 -8.91 14.93
C HIS B 170 8.71 -9.98 15.97
N ASP B 171 9.31 -9.81 17.15
CA ASP B 171 9.13 -10.82 18.21
C ASP B 171 7.69 -10.93 18.68
N TRP B 172 6.98 -9.81 18.74
CA TRP B 172 5.57 -9.85 19.10
C TRP B 172 4.78 -10.66 18.10
N SER B 173 5.22 -10.63 16.84
CA SER B 173 4.52 -11.30 15.75
C SER B 173 4.99 -12.73 15.60
N GLY B 174 6.09 -13.09 16.27
CA GLY B 174 6.62 -14.44 16.21
C GLY B 174 7.47 -14.69 14.98
N VAL B 175 8.08 -13.64 14.45
CA VAL B 175 8.98 -13.75 13.32
C VAL B 175 10.41 -13.45 13.73
N ALA B 176 11.32 -14.35 13.39
CA ALA B 176 12.73 -14.16 13.73
C ALA B 176 13.47 -13.34 12.65
N VAL B 177 14.52 -12.64 13.07
CA VAL B 177 15.41 -11.98 12.11
C VAL B 177 16.79 -12.66 12.07
N ASP B 178 16.92 -13.79 12.77
CA ASP B 178 18.15 -14.57 12.71
C ASP B 178 18.59 -14.83 11.28
N GLY B 179 19.88 -14.65 11.03
CA GLY B 179 20.45 -14.87 9.72
C GLY B 179 20.34 -13.67 8.79
N LEU B 180 19.53 -12.69 9.19
CA LEU B 180 19.33 -11.49 8.36
C LEU B 180 20.24 -10.37 8.81
N ASP B 181 21.52 -10.48 8.43
CA ASP B 181 22.56 -9.57 8.89
C ASP B 181 22.42 -8.15 8.38
N ASN B 182 22.01 -7.97 7.13
CA ASN B 182 21.79 -6.61 6.63
C ASN B 182 20.59 -5.95 7.31
N LEU B 183 19.51 -6.69 7.48
CA LEU B 183 18.33 -6.16 8.17
C LEU B 183 18.66 -5.77 9.61
N GLN B 184 19.44 -6.60 10.28
CA GLN B 184 19.86 -6.31 11.67
C GLN B 184 20.71 -5.04 11.79
N ARG B 185 21.63 -4.85 10.85
CA ARG B 185 22.41 -3.62 10.77
C ARG B 185 21.50 -2.38 10.67
N TRP B 186 20.54 -2.47 9.76
CA TRP B 186 19.58 -1.40 9.51
C TRP B 186 18.72 -1.14 10.72
N ILE B 187 18.32 -2.21 11.41
CA ILE B 187 17.53 -2.05 12.62
C ILE B 187 18.33 -1.27 13.66
N ALA B 188 19.59 -1.66 13.86
CA ALA B 188 20.47 -0.98 14.81
C ALA B 188 20.65 0.50 14.45
N ALA B 189 20.83 0.79 13.15
CA ALA B 189 21.04 2.17 12.70
C ALA B 189 19.81 3.05 12.96
N ILE B 190 18.63 2.55 12.64
CA ILE B 190 17.43 3.36 12.75
C ILE B 190 17.04 3.57 14.21
N GLU B 191 17.16 2.52 15.03
CA GLU B 191 16.76 2.66 16.42
C GLU B 191 17.65 3.63 17.18
N ALA B 192 18.83 3.96 16.62
CA ALA B 192 19.73 4.92 17.26
C ALA B 192 19.37 6.38 16.98
N ARG B 193 18.54 6.62 15.95
CA ARG B 193 18.16 7.99 15.62
C ARG B 193 17.30 8.64 16.70
N PRO B 194 17.71 9.85 17.15
CA PRO B 194 16.92 10.58 18.15
C PRO B 194 15.45 10.81 17.76
N ALA B 195 15.17 11.19 16.51
CA ALA B 195 13.78 11.37 16.05
C ALA B 195 12.96 10.09 16.16
N VAL B 196 13.61 8.95 15.88
CA VAL B 196 12.94 7.67 15.98
C VAL B 196 12.61 7.37 17.44
N GLN B 197 13.57 7.58 18.33
CA GLN B 197 13.35 7.38 19.76
CA GLN B 197 13.29 7.33 19.74
C GLN B 197 12.21 8.28 20.27
N ARG B 198 12.18 9.52 19.78
CA ARG B 198 11.11 10.44 20.19
C ARG B 198 9.75 10.00 19.62
N GLY B 199 9.75 9.63 18.34
CA GLY B 199 8.51 9.23 17.66
C GLY B 199 7.81 8.00 18.27
N LEU B 200 8.60 7.04 18.75
CA LEU B 200 8.05 5.81 19.31
C LEU B 200 7.31 6.04 20.63
N LEU B 201 7.54 7.20 21.24
CA LEU B 201 6.88 7.56 22.50
C LEU B 201 5.53 8.25 22.31
N VAL B 202 5.14 8.46 21.06
CA VAL B 202 3.91 9.20 20.78
C VAL B 202 2.85 8.26 20.21
N PRO B 203 1.65 8.20 20.84
CA PRO B 203 1.17 8.93 22.02
C PRO B 203 1.60 8.30 23.34
N ARG B 204 1.60 9.10 24.39
CA ARG B 204 2.12 8.65 25.67
C ARG B 204 1.02 8.14 26.58
N1 GSH C . 1.18 -5.40 -3.74
CA1 GSH C . 1.77 -6.05 -4.95
C1 GSH C . 1.44 -5.31 -6.22
O11 GSH C . 2.24 -5.28 -7.20
O12 GSH C . 0.33 -4.75 -6.22
CB1 GSH C . 1.17 -7.46 -5.04
CG1 GSH C . 1.74 -8.26 -6.21
CD1 GSH C . 1.13 -9.66 -6.17
OE1 GSH C . 0.74 -10.16 -5.12
N2 GSH C . 1.06 -10.27 -7.36
CA2 GSH C . 0.70 -11.68 -7.50
C2 GSH C . 1.87 -12.58 -7.79
O2 GSH C . 2.78 -12.23 -8.53
CB2 GSH C . -0.31 -11.86 -8.62
SG2 GSH C . -1.73 -10.75 -8.45
N3 GSH C . 1.87 -13.77 -7.24
CA3 GSH C . 2.82 -14.77 -7.66
C3 GSH C . 3.59 -15.27 -6.47
O31 GSH C . 4.53 -16.09 -6.66
O32 GSH C . 3.24 -14.82 -5.35
N1 GSH D . -3.14 0.95 5.71
CA1 GSH D . -3.49 1.77 6.92
C1 GSH D . -2.41 2.74 7.28
O11 GSH D . -2.69 3.87 7.75
O12 GSH D . -1.23 2.39 7.06
CB1 GSH D . -3.74 0.83 8.09
CG1 GSH D . -4.07 1.60 9.37
CD1 GSH D . -4.43 0.65 10.48
OE1 GSH D . -4.49 -0.57 10.28
N2 GSH D . -4.68 1.21 11.68
CA2 GSH D . -5.07 0.38 12.82
C2 GSH D . -6.41 0.80 13.37
O2 GSH D . -6.75 1.97 13.36
CB2 GSH D . -4.04 0.47 13.96
SG2 GSH D . -2.34 0.03 13.47
N3 GSH D . -7.18 -0.16 13.89
CA3 GSH D . -8.43 0.16 14.56
C3 GSH D . -9.64 -0.48 13.91
O31 GSH D . -10.75 -0.36 14.48
O32 GSH D . -9.50 -1.10 12.83
#